data_1F5K
#
_entry.id   1F5K
#
_cell.length_a   52.800
_cell.length_b   54.600
_cell.length_c   82.900
_cell.angle_alpha   90
_cell.angle_beta   90
_cell.angle_gamma   90
#
_symmetry.space_group_name_H-M   'P 21 21 21'
#
loop_
_entity.id
_entity.type
_entity.pdbx_description
1 polymer 'UROKINASE-TYPE PLASMINOGEN ACTIVATOR'
2 non-polymer 'SULFATE ION'
3 non-polymer BENZAMIDINE
4 water water
#
_entity_poly.entity_id   1
_entity_poly.type   'polypeptide(L)'
_entity_poly.pdbx_seq_one_letter_code
;IIGGEFTTIENQPWFAAIYRRHRGGSVTYVCGGSLISPCWVISATHCFIDYPKKEDYIVYLGRSRLNSNTQGEMKFEVEN
LILHKDYSADTLAHHNDIALLKIRSKEGRCAQPSRTIQTISLPSMYNDPQFGTSCEITGFGKENSTDYLYPEQLKMTVVK
LISHRECQQPHYYGSEVTTKMLCAADPQWKTDSCQGDSGGPLVCSLQGRMTLTGIVSWGRGCALKDKPGVYTRVSHFLPW
IRSHTKEENGLAL
;
_entity_poly.pdbx_strand_id   U
#
loop_
_chem_comp.id
_chem_comp.type
_chem_comp.name
_chem_comp.formula
BEN non-polymer BENZAMIDINE 'C7 H8 N2'
SO4 non-polymer 'SULFATE ION' 'O4 S -2'
#
# COMPACT_ATOMS: atom_id res chain seq x y z
N ILE A 1 -1.14 7.97 -8.08
CA ILE A 1 -0.11 7.53 -9.08
C ILE A 1 0.08 8.59 -10.17
N ILE A 2 1.32 9.06 -10.32
CA ILE A 2 1.69 10.06 -11.34
C ILE A 2 1.98 9.27 -12.61
N GLY A 3 1.33 9.64 -13.71
CA GLY A 3 1.53 8.93 -14.96
C GLY A 3 0.93 7.54 -14.86
N GLY A 4 1.54 6.57 -15.54
CA GLY A 4 1.04 5.22 -15.50
C GLY A 4 -0.23 5.07 -16.32
N GLU A 5 -1.07 4.06 -16.16
CA GLU A 5 -2.19 3.79 -17.09
C GLU A 5 -3.36 3.41 -16.20
N PHE A 6 -4.55 3.35 -16.72
CA PHE A 6 -5.92 3.48 -15.54
C PHE A 6 -6.06 1.97 -15.71
N THR A 7 -6.53 1.30 -14.66
CA THR A 7 -6.66 -0.15 -14.68
C THR A 7 -7.94 -0.57 -13.94
N THR A 8 -8.16 -1.88 -13.81
CA THR A 8 -9.33 -2.39 -13.11
C THR A 8 -8.91 -3.36 -12.00
N ILE A 9 -10.19 -3.81 -11.21
CA ILE A 9 -9.73 -4.40 -9.97
C ILE A 9 -9.40 -5.88 -10.19
N GLU A 10 -9.67 -6.38 -11.64
CA GLU A 10 -9.39 -7.72 -12.17
C GLU A 10 -7.89 -7.91 -12.38
N ASN A 11 -7.20 -6.81 -12.65
CA ASN A 11 -5.77 -6.81 -12.87
C ASN A 11 -5.02 -6.67 -11.54
N GLN A 12 -5.71 -6.21 -10.50
CA GLN A 12 -5.13 -6.02 -9.16
C GLN A 12 -6.14 -6.52 -8.11
N PRO A 13 -6.56 -7.80 -8.19
CA PRO A 13 -7.52 -8.40 -7.26
C PRO A 13 -7.25 -8.39 -5.76
N TRP A 14 -6.00 -8.09 -5.38
CA TRP A 14 -5.58 -8.05 -3.96
C TRP A 14 -5.58 -6.65 -3.35
N PHE A 15 -5.80 -5.63 -4.15
CA PHE A 15 -5.84 -4.24 -3.70
C PHE A 15 -7.07 -3.89 -2.79
N ALA A 16 -6.96 -3.44 -1.49
CA ALA A 16 -8.15 -3.03 -0.71
C ALA A 16 -8.23 -1.52 -0.66
N ALA A 17 -9.45 -0.97 -0.67
CA ALA A 17 -9.75 0.48 -0.64
C ALA A 17 -10.12 0.92 0.78
N ILE A 18 -9.25 1.56 1.56
CA ILE A 18 -9.71 1.88 2.94
C ILE A 18 -10.29 3.29 3.12
N TYR A 19 -11.53 3.38 3.60
CA TYR A 19 -12.20 4.65 3.82
C TYR A 19 -12.49 4.89 5.31
N ARG A 20 -12.72 6.15 5.68
CA ARG A 20 -13.03 6.48 7.06
C ARG A 20 -14.39 7.19 7.15
N ARG A 21 -15.20 6.77 8.12
CA ARG A 21 -16.53 7.36 8.36
C ARG A 21 -16.40 8.68 9.11
N HIS A 22 -17.36 9.56 8.90
CA HIS A 22 -17.38 10.86 9.56
C HIS A 22 -18.71 11.17 10.22
N ARG A 23 -18.68 12.16 11.10
CA ARG A 23 -19.91 12.62 11.79
C ARG A 23 -20.85 13.28 10.79
N GLY A 24 -21.97 12.61 10.53
CA GLY A 24 -22.93 13.12 9.58
C GLY A 24 -23.28 12.06 8.55
N GLY A 25 -22.27 11.60 7.83
CA GLY A 25 -22.49 10.57 6.82
C GLY A 25 -21.47 10.60 5.70
N SER A 26 -20.51 11.51 5.79
CA SER A 26 -19.47 11.64 4.78
C SER A 26 -18.35 10.63 4.94
N VAL A 27 -18.05 9.92 3.85
CA VAL A 27 -16.99 8.92 3.83
C VAL A 27 -15.87 9.41 2.91
N THR A 28 -14.65 9.45 3.44
CA THR A 28 -13.50 9.90 2.66
C THR A 28 -12.45 8.79 2.53
N TYR A 29 -11.72 8.81 1.42
CA TYR A 29 -10.68 7.81 1.17
C TYR A 29 -9.46 8.08 2.04
N VAL A 30 -8.96 7.02 2.66
CA VAL A 30 -7.80 7.12 3.54
C VAL A 30 -6.50 6.62 2.91
N CYS A 31 -6.46 5.31 2.64
CA CYS A 31 -5.27 4.69 2.08
C CYS A 31 -5.57 3.40 1.35
N GLY A 32 -4.56 2.86 0.69
CA GLY A 32 -4.70 1.60 0.01
C GLY A 32 -4.27 0.51 0.98
N GLY A 33 -4.36 -0.73 0.52
CA GLY A 33 -4.00 -1.89 1.32
C GLY A 33 -3.96 -3.13 0.45
N SER A 34 -3.53 -4.25 1.03
CA SER A 34 -3.45 -5.51 0.29
C SER A 34 -4.02 -6.68 1.07
N LEU A 35 -4.73 -7.56 0.38
CA LEU A 35 -5.33 -8.73 0.99
C LEU A 35 -4.29 -9.86 1.03
N ILE A 36 -3.77 -10.17 2.21
CA ILE A 36 -2.77 -11.24 2.35
C ILE A 36 -3.36 -12.58 2.73
N SER A 37 -4.62 -12.56 3.16
CA SER A 37 -5.35 -13.77 3.54
C SER A 37 -6.83 -13.36 3.57
N PRO A 38 -7.81 -14.42 3.71
CA PRO A 38 -9.20 -14.01 3.55
C PRO A 38 -9.57 -12.96 4.56
N CYS A 39 -8.95 -12.84 6.24
CA CYS A 39 -9.46 -12.12 7.40
C CYS A 39 -8.60 -10.94 7.90
N TRP A 40 -7.53 -10.74 7.00
CA TRP A 40 -6.37 -9.78 6.97
C TRP A 40 -6.13 -9.00 5.61
N VAL A 41 -5.86 -7.69 5.82
CA VAL A 41 -5.60 -6.56 4.89
C VAL A 41 -4.30 -5.86 5.42
N ILE A 42 -3.17 -5.93 4.73
CA ILE A 42 -2.00 -5.31 5.31
C ILE A 42 -2.16 -3.80 4.99
N SER A 43 -1.32 -2.85 5.34
CA SER A 43 -1.48 -1.40 4.98
C SER A 43 -0.45 -0.68 5.83
N ALA A 44 -0.47 0.64 5.90
CA ALA A 44 0.56 1.39 6.65
C ALA A 44 0.00 2.04 7.92
N THR A 45 0.80 2.04 8.98
CA THR A 45 0.36 2.63 10.25
C THR A 45 0.10 4.13 10.17
N HIS A 46 0.91 4.87 9.41
CA HIS A 46 0.72 6.32 9.32
C HIS A 46 -0.66 6.73 8.82
N CYS A 47 -1.36 5.77 8.22
CA CYS A 47 -2.70 6.01 7.69
C CYS A 47 -3.75 6.13 8.78
N PHE A 48 -3.53 5.44 9.90
CA PHE A 48 -4.50 5.40 11.00
C PHE A 48 -4.03 5.93 12.36
N ILE A 49 -2.74 6.20 12.49
CA ILE A 49 -2.16 6.66 13.76
C ILE A 49 -2.89 7.83 14.45
N ASP A 50 -3.46 8.75 13.66
CA ASP A 50 -4.17 9.90 14.22
C ASP A 50 -5.60 9.60 14.64
N TYR A 51 -6.19 8.56 14.07
CA TYR A 51 -7.56 8.13 14.37
C TYR A 51 -7.59 6.60 14.52
N PRO A 52 -7.03 6.08 15.63
CA PRO A 52 -6.95 4.65 15.95
C PRO A 52 -8.26 3.90 16.22
N LYS A 53 -9.36 4.73 15.33
CA LYS A 53 -10.65 4.29 15.87
C LYS A 53 -11.39 3.42 14.84
N LYS A 54 -11.13 1.69 15.24
CA LYS A 54 -11.46 0.72 14.20
C LYS A 54 -12.87 0.84 13.64
N GLU A 55 -13.82 1.29 14.46
CA GLU A 55 -15.23 1.41 14.07
C GLU A 55 -15.40 2.49 13.01
N ASP A 56 -14.48 3.43 12.88
CA ASP A 56 -14.57 4.50 11.90
C ASP A 56 -14.15 4.08 10.50
N TYR A 57 -13.60 2.87 10.37
CA TYR A 57 -13.13 2.42 9.06
C TYR A 57 -14.00 1.45 8.28
N ILE A 58 -13.91 1.57 6.97
CA ILE A 58 -14.63 0.72 6.01
C ILE A 58 -13.63 0.27 4.95
N VAL A 59 -13.58 -1.04 4.70
CA VAL A 59 -12.69 -1.60 3.70
C VAL A 59 -13.48 -2.20 2.55
N TYR A 60 -13.07 -1.88 1.34
CA TYR A 60 -13.72 -2.41 0.14
C TYR A 60 -12.75 -3.27 -0.63
N LEU A 61 -13.24 -4.43 -1.07
CA LEU A 61 -12.46 -5.35 -1.89
C LEU A 61 -13.25 -5.51 -3.19
N GLY A 62 -12.54 -5.70 -4.29
CA GLY A 62 -13.17 -5.85 -5.60
C GLY A 62 -13.72 -4.53 -6.15
N ARG A 63 -13.22 -3.40 -5.62
CA ARG A 63 -13.70 -2.09 -6.05
C ARG A 63 -12.70 -1.38 -6.98
N SER A 64 -13.15 -1.03 -8.16
CA SER A 64 -12.26 -0.41 -9.15
C SER A 64 -12.38 1.02 -9.04
N ARG A 65 -13.43 1.31 -8.43
CA ARG A 65 -13.79 3.14 -8.52
C ARG A 65 -13.89 3.71 -7.12
N LEU A 66 -13.43 4.95 -7.01
CA LEU A 66 -13.40 5.69 -5.75
C LEU A 66 -14.75 5.95 -5.07
N ASN A 67 -15.61 6.70 -5.75
CA ASN A 67 -16.91 7.06 -5.19
C ASN A 67 -18.13 6.43 -5.85
N SER A 68 -17.95 5.24 -6.42
CA SER A 68 -19.03 4.53 -7.07
C SER A 68 -18.87 3.02 -6.89
N ASN A 69 -19.97 2.29 -7.01
CA ASN A 69 -19.97 0.85 -6.85
C ASN A 69 -19.46 0.07 -8.06
N THR A 70 -18.89 -1.10 -7.76
CA THR A 70 -18.39 -2.04 -8.76
C THR A 70 -19.22 -3.39 -8.59
N GLN A 71 -19.80 -4.00 -9.69
CA GLN A 71 -20.52 -5.31 -9.57
C GLN A 71 -19.54 -6.20 -8.73
N GLY A 72 -19.97 -7.13 -7.88
CA GLY A 72 -18.97 -8.02 -7.24
C GLY A 72 -18.09 -7.49 -6.08
N GLU A 73 -18.21 -6.21 -5.76
CA GLU A 73 -17.48 -5.64 -4.63
C GLU A 73 -18.05 -6.12 -3.30
N MET A 74 -17.21 -6.11 -2.28
CA MET A 74 -17.62 -6.54 -0.95
C MET A 74 -17.14 -5.52 0.08
N LYS A 75 -18.05 -5.13 0.96
CA LYS A 75 -17.79 -4.15 2.01
C LYS A 75 -17.46 -4.85 3.34
N PHE A 76 -16.47 -4.35 4.07
CA PHE A 76 -16.08 -4.96 5.34
C PHE A 76 -15.87 -3.95 6.45
N GLU A 77 -16.14 -4.38 7.68
CA GLU A 77 -15.93 -3.58 8.87
C GLU A 77 -14.55 -4.02 9.36
N VAL A 78 -13.97 -3.26 10.28
CA VAL A 78 -12.66 -3.60 10.82
C VAL A 78 -12.83 -4.20 12.22
N GLU A 79 -12.57 -5.50 12.31
CA GLU A 79 -12.69 -6.23 13.56
C GLU A 79 -11.52 -5.94 14.51
N ASN A 80 -10.35 -5.69 13.93
CA ASN A 80 -9.16 -5.42 14.73
C ASN A 80 -8.18 -4.57 13.93
N LEU A 81 -7.71 -3.49 14.53
CA LEU A 81 -6.76 -2.57 13.92
C LEU A 81 -5.42 -2.70 14.64
N ILE A 82 -4.45 -3.28 13.97
CA ILE A 82 -3.14 -3.48 14.57
C ILE A 82 -2.07 -2.56 14.00
N LEU A 83 -1.60 -1.63 14.83
CA LEU A 83 -0.55 -0.69 14.42
C LEU A 83 0.78 -1.16 15.03
N HIS A 84 1.88 -0.83 14.37
CA HIS A 84 3.20 -1.22 14.87
C HIS A 84 3.57 -0.31 16.04
N LYS A 85 3.82 -0.92 17.20
CA LYS A 85 4.15 -0.18 18.43
C LYS A 85 5.40 0.70 18.34
N ASP A 86 6.33 0.34 17.46
CA ASP A 86 7.56 1.11 17.32
C ASP A 86 7.51 2.15 16.21
N TYR A 87 6.32 2.45 15.70
CA TYR A 87 6.18 3.45 14.64
C TYR A 87 6.62 4.84 15.09
N SER A 88 7.25 5.58 14.17
CA SER A 88 7.70 6.94 14.43
C SER A 88 7.90 7.65 13.10
N ALA A 89 7.73 8.97 13.10
CA ALA A 89 7.89 9.77 11.90
C ALA A 89 8.92 10.87 12.09
N ASP A 90 9.91 10.91 11.21
CA ASP A 90 10.94 11.92 11.26
C ASP A 90 10.64 13.03 10.26
N THR A 91 11.65 13.78 9.85
CA THR A 91 11.50 14.89 8.90
C THR A 91 10.75 14.44 7.65
N LEU A 92 11.16 13.31 7.08
CA LEU A 92 10.52 12.77 5.89
C LEU A 92 10.15 11.31 6.08
N ALA A 93 11.10 10.56 6.63
CA ALA A 93 10.94 9.12 6.86
C ALA A 93 9.94 8.66 7.90
N HIS A 94 9.27 7.57 7.56
CA HIS A 94 8.31 6.93 8.44
C HIS A 94 8.93 5.58 8.73
N HIS A 95 9.09 5.27 10.02
CA HIS A 95 9.70 4.02 10.43
C HIS A 95 8.64 3.03 10.90
N ASN A 96 8.90 1.74 10.66
CA ASN A 96 7.98 0.66 11.01
C ASN A 96 6.56 1.00 10.55
N ASP A 97 6.48 1.52 9.32
CA ASP A 97 5.20 1.92 8.73
C ASP A 97 4.48 0.72 8.14
N ILE A 98 3.83 -0.04 9.02
CA ILE A 98 3.13 -1.24 8.61
C ILE A 98 2.00 -1.49 9.59
N ALA A 99 0.86 -1.90 9.07
CA ALA A 99 -0.32 -2.15 9.88
C ALA A 99 -1.13 -3.32 9.37
N LEU A 100 -1.91 -3.92 10.26
CA LEU A 100 -2.77 -5.04 9.93
C LEU A 100 -4.22 -4.73 10.30
N LEU A 101 -5.24 -5.06 8.97
CA LEU A 101 -6.64 -4.83 9.31
C LEU A 101 -7.41 -6.11 9.10
N LYS A 102 -7.89 -6.62 10.58
CA LYS A 102 -8.67 -7.85 10.50
C LYS A 102 -10.05 -7.40 10.02
N ILE A 103 -10.53 -8.01 8.94
CA ILE A 103 -11.80 -7.64 8.36
C ILE A 103 -12.91 -8.66 8.56
N ARG A 104 -14.15 -8.18 8.51
CA ARG A 104 -15.32 -9.02 8.66
C ARG A 104 -16.54 -8.29 8.11
N SER A 105 -17.36 -9.01 7.35
CA SER A 105 -18.56 -8.45 6.78
C SER A 105 -19.60 -8.34 7.90
N LYS A 106 -20.73 -7.70 7.63
CA LYS A 106 -21.79 -7.57 8.63
C LYS A 106 -22.27 -8.93 9.13
N GLU A 107 -22.08 -9.96 8.31
CA GLU A 107 -22.48 -11.32 8.65
C GLU A 107 -21.40 -12.05 9.46
N GLY A 108 -20.23 -11.43 9.59
CA GLY A 108 -19.15 -12.05 10.35
C GLY A 108 -18.24 -12.92 9.53
N ARG A 109 -18.34 -12.89 8.17
CA ARG A 109 -17.61 -13.73 7.17
C ARG A 109 -16.26 -13.28 6.75
N CYS A 110 -15.25 -14.09 6.32
CA CYS A 110 -14.15 -12.91 5.69
C CYS A 110 -14.32 -12.83 4.17
N ALA A 111 -13.27 -12.42 3.48
CA ALA A 111 -13.33 -12.31 2.03
C ALA A 111 -13.57 -13.64 1.35
N GLN A 112 -14.33 -13.61 0.25
CA GLN A 112 -14.63 -14.80 -0.53
C GLN A 112 -13.96 -14.59 -1.89
N PRO A 113 -12.91 -15.36 -2.19
CA PRO A 113 -12.16 -15.28 -3.45
C PRO A 113 -13.04 -15.33 -4.70
N SER A 114 -12.66 -14.51 -5.68
CA SER A 114 -13.37 -14.43 -6.95
C SER A 114 -12.42 -13.86 -7.99
N ARG A 115 -12.94 -13.55 -9.17
CA ARG A 115 -12.12 -12.99 -10.24
C ARG A 115 -11.68 -11.56 -9.92
N THR A 116 -12.36 -10.93 -8.96
CA THR A 116 -12.04 -9.57 -8.58
C THR A 116 -11.49 -9.45 -7.16
N ILE A 117 -11.45 -10.57 -6.45
CA ILE A 117 -10.95 -10.59 -5.07
C ILE A 117 -10.04 -11.80 -4.85
N GLN A 118 -8.73 -11.54 -4.75
CA GLN A 118 -7.74 -12.58 -4.56
C GLN A 118 -6.63 -12.10 -3.63
N THR A 119 -5.97 -13.05 -2.96
CA THR A 119 -4.88 -12.73 -2.04
C THR A 119 -3.53 -12.69 -2.75
N ILE A 120 -2.60 -11.94 -2.18
CA ILE A 120 -1.23 -11.87 -2.69
C ILE A 120 -0.28 -12.59 -1.74
N SER A 121 0.72 -13.21 -2.31
CA SER A 121 1.70 -13.95 -1.53
C SER A 121 2.70 -13.04 -0.84
N LEU A 122 3.06 -13.42 0.38
CA LEU A 122 4.06 -12.68 1.15
C LEU A 122 5.42 -13.26 0.76
N PRO A 123 6.50 -12.48 0.98
CA PRO A 123 7.86 -12.95 0.63
C PRO A 123 8.38 -13.94 1.67
N SER A 124 9.54 -14.52 1.39
CA SER A 124 10.20 -15.46 2.30
C SER A 124 11.20 -14.65 3.14
N MET A 125 11.66 -15.24 4.24
CA MET A 125 12.62 -14.58 5.14
C MET A 125 13.82 -13.95 4.43
N TYR A 126 13.86 -12.63 4.43
CA TYR A 126 14.93 -11.86 3.80
C TYR A 126 15.18 -12.26 2.34
N ASN A 127 14.09 -12.46 1.61
CA ASN A 127 14.18 -12.85 0.21
C ASN A 127 13.47 -11.82 -0.67
N ASP A 128 14.25 -10.85 -1.15
CA ASP A 128 13.74 -9.79 -2.01
C ASP A 128 14.31 -9.90 -3.42
N PRO A 129 13.64 -9.27 -4.41
CA PRO A 129 14.12 -9.32 -5.79
C PRO A 129 15.44 -8.55 -5.91
N GLN A 130 16.23 -8.89 -6.92
CA GLN A 130 17.50 -8.21 -7.16
C GLN A 130 17.21 -6.75 -7.52
N PHE A 131 18.11 -5.85 -7.14
CA PHE A 131 17.93 -4.44 -7.46
C PHE A 131 17.97 -4.24 -8.97
N GLY A 132 17.03 -3.45 -9.47
CA GLY A 132 16.94 -3.21 -10.90
C GLY A 132 15.73 -3.95 -11.45
N THR A 133 15.09 -4.73 -10.59
CA THR A 133 13.90 -5.51 -10.96
C THR A 133 12.69 -4.59 -11.11
N SER A 134 11.85 -4.88 -12.11
CA SER A 134 10.65 -4.10 -12.34
C SER A 134 9.53 -4.61 -11.46
N CYS A 135 8.80 -3.67 -10.85
CA CYS A 135 7.69 -3.97 -9.96
C CYS A 135 6.53 -3.02 -10.24
N GLU A 136 5.33 -3.37 -9.77
CA GLU A 136 4.17 -2.52 -9.99
C GLU A 136 3.56 -1.96 -8.72
N ILE A 137 2.96 -0.78 -8.83
CA ILE A 137 2.29 -0.15 -7.69
C ILE A 137 0.90 0.23 -8.16
N THR A 138 -0.05 0.19 -7.25
CA THR A 138 -1.45 0.49 -7.58
C THR A 138 -2.07 1.41 -6.53
N GLY A 139 -2.98 2.29 -6.97
CA GLY A 139 -3.62 3.17 -6.01
C GLY A 139 -4.57 4.22 -6.57
N PHE A 140 -5.27 4.88 -5.67
CA PHE A 140 -6.22 5.95 -6.01
C PHE A 140 -5.59 7.31 -5.66
N GLY A 141 -4.26 7.33 -5.53
CA GLY A 141 -3.56 8.56 -5.18
C GLY A 141 -3.56 9.65 -6.24
N LYS A 142 -3.02 10.81 -5.91
CA LYS A 142 -3.00 12.01 -6.76
C LYS A 142 -2.28 11.66 -8.06
N GLU A 143 -2.81 12.28 -9.17
CA GLU A 143 -2.26 12.15 -10.51
C GLU A 143 -1.21 13.22 -10.78
N ASN A 144 -1.30 14.31 -10.02
CA ASN A 144 -0.38 15.46 -10.12
C ASN A 144 -0.26 16.05 -8.73
N SER A 145 0.92 16.61 -8.41
CA SER A 145 1.16 17.23 -7.11
C SER A 145 0.22 18.39 -6.83
N THR A 146 -0.21 19.07 -7.89
CA THR A 146 -1.10 20.21 -7.76
C THR A 146 -2.58 19.85 -7.62
N ASP A 147 -2.91 18.58 -7.82
CA ASP A 147 -4.30 18.14 -7.69
C ASP A 147 -4.72 18.15 -6.21
N TYR A 148 -5.99 18.42 -5.93
CA TYR A 148 -6.51 18.39 -4.57
C TYR A 148 -7.54 17.26 -4.48
N LEU A 149 -7.88 16.70 -5.63
CA LEU A 149 -8.82 15.58 -5.72
C LEU A 149 -8.10 14.34 -6.25
N TYR A 150 -8.64 13.17 -5.92
CA TYR A 150 -8.08 11.89 -6.37
C TYR A 150 -8.81 11.41 -7.62
N PRO A 151 -8.16 10.59 -8.46
CA PRO A 151 -8.84 10.08 -9.67
C PRO A 151 -9.99 9.15 -9.29
N GLU A 152 -11.00 9.07 -10.16
CA GLU A 152 -12.16 8.22 -9.88
C GLU A 152 -11.90 6.74 -10.20
N GLN A 153 -10.95 6.49 -11.10
CA GLN A 153 -10.59 5.15 -11.50
C GLN A 153 -9.22 4.76 -10.96
N LEU A 154 -9.09 3.51 -10.54
CA LEU A 154 -7.84 2.96 -10.03
C LEU A 154 -6.72 3.06 -11.07
N LYS A 155 -5.50 3.34 -10.61
CA LYS A 155 -4.35 3.43 -11.51
C LYS A 155 -3.21 2.51 -11.11
N MET A 156 -2.31 2.27 -12.05
CA MET A 156 -1.15 1.44 -11.80
C MET A 156 0.02 1.91 -12.66
N THR A 157 1.23 1.61 -12.20
CA THR A 157 2.41 1.94 -12.95
C THR A 157 3.52 0.97 -12.61
N VAL A 158 4.61 1.04 -13.37
CA VAL A 158 5.74 0.15 -13.16
C VAL A 158 6.97 0.98 -12.81
N VAL A 159 7.65 0.57 -11.74
CA VAL A 159 8.85 1.25 -11.27
C VAL A 159 9.95 0.21 -11.06
N LYS A 160 11.19 0.65 -10.97
CA LYS A 160 12.29 -0.28 -10.75
C LYS A 160 12.91 -0.12 -9.37
N LEU A 161 13.28 -1.25 -8.77
CA LEU A 161 13.89 -1.26 -7.45
C LEU A 161 15.29 -0.64 -7.53
N ILE A 162 15.60 0.18 -6.53
CA ILE A 162 16.88 0.88 -6.42
C ILE A 162 17.60 0.39 -5.19
N SER A 163 18.90 0.13 -5.32
CA SER A 163 19.71 -0.36 -4.21
C SER A 163 19.78 0.60 -3.02
N HIS A 164 20.16 0.08 -1.86
CA HIS A 164 20.28 0.90 -0.65
C HIS A 164 21.43 1.87 -0.83
N ARG A 165 22.48 1.48 -1.52
CA ARG A 165 23.66 2.33 -1.75
C ARG A 165 23.29 3.57 -2.55
N GLU A 166 22.52 3.41 -3.62
CA GLU A 166 22.12 4.54 -4.46
C GLU A 166 21.14 5.46 -3.74
N CYS A 167 20.19 4.86 -3.04
CA CYS A 167 19.17 5.62 -2.33
C CYS A 167 19.71 6.35 -1.11
N GLN A 168 20.89 5.92 -0.64
CA GLN A 168 21.53 6.47 0.56
C GLN A 168 22.51 7.56 0.13
N GLN A 169 22.60 7.88 -1.15
CA GLN A 169 23.48 8.92 -1.65
C GLN A 169 22.97 10.26 -1.14
N PRO A 170 23.87 11.24 -0.96
CA PRO A 170 23.52 12.58 -0.48
C PRO A 170 22.40 13.29 -1.26
N HIS A 171 22.44 13.24 -2.59
CA HIS A 171 21.43 13.89 -3.40
C HIS A 171 20.08 13.18 -3.40
N TYR A 172 20.06 11.96 -2.88
CA TYR A 172 18.84 11.18 -2.78
C TYR A 172 18.22 11.39 -1.38
N TYR A 173 18.43 10.42 -0.49
CA TYR A 173 17.87 10.53 0.85
C TYR A 173 18.89 10.44 1.98
N GLY A 174 20.14 10.16 1.63
CA GLY A 174 21.18 10.05 2.63
C GLY A 174 20.89 8.96 3.64
N SER A 175 21.21 9.21 4.91
CA SER A 175 21.00 8.22 5.96
C SER A 175 19.56 8.10 6.47
N GLU A 176 18.64 8.84 5.85
CA GLU A 176 17.23 8.79 6.24
C GLU A 176 16.61 7.43 5.93
N VAL A 177 17.03 6.81 4.83
CA VAL A 177 16.54 5.50 4.43
C VAL A 177 17.33 4.40 5.13
N THR A 178 16.62 3.40 5.63
CA THR A 178 17.23 2.29 6.35
C THR A 178 17.12 0.98 5.58
N THR A 179 17.67 -0.09 6.16
CA THR A 179 17.61 -1.40 5.51
C THR A 179 16.22 -2.01 5.59
N LYS A 180 15.37 -1.45 6.44
CA LYS A 180 13.99 -1.91 6.60
C LYS A 180 13.10 -1.22 5.57
N MET A 181 13.73 -0.48 4.66
CA MET A 181 13.00 0.25 3.63
C MET A 181 13.52 -0.10 2.24
N LEU A 182 12.67 0.10 1.24
CA LEU A 182 13.04 -0.17 -0.17
C LEU A 182 12.78 1.07 -1.07
N CYS A 183 13.76 1.55 -1.90
CA CYS A 183 13.55 2.71 -2.82
C CYS A 183 13.03 2.16 -4.10
N ALA A 184 12.63 2.90 -5.02
CA ALA A 184 12.09 2.29 -6.20
C ALA A 184 11.49 3.43 -7.00
N ALA A 185 11.94 3.65 -8.22
CA ALA A 185 11.43 4.78 -9.00
C ALA A 185 11.60 4.50 -10.48
N ASP A 186 11.14 5.45 -11.28
CA ASP A 186 11.24 5.37 -12.73
C ASP A 186 12.59 5.96 -13.11
N PRO A 187 13.78 5.06 -13.99
CA PRO A 187 15.10 5.57 -14.40
C PRO A 187 15.07 7.00 -14.95
N GLN A 188 13.50 7.50 -15.54
CA GLN A 188 13.31 8.80 -16.17
C GLN A 188 12.57 9.79 -15.25
N TRP A 189 12.20 9.33 -14.05
CA TRP A 189 11.52 10.16 -13.06
C TRP A 189 10.18 10.72 -13.55
N LYS A 190 9.49 9.94 -14.38
CA LYS A 190 8.22 10.36 -14.95
C LYS A 190 6.99 9.78 -14.25
N THR A 191 7.16 8.65 -13.60
CA THR A 191 6.05 8.00 -12.92
C THR A 191 6.43 7.65 -11.47
N ASP A 192 5.45 7.64 -10.58
CA ASP A 192 5.73 7.39 -9.17
C ASP A 192 4.41 7.36 -8.41
N SER A 193 4.46 6.91 -7.16
CA SER A 193 3.26 6.92 -6.34
C SER A 193 3.19 8.35 -5.77
N CYS A 194 2.08 8.72 -5.16
CA CYS A 194 1.93 10.06 -4.62
C CYS A 194 0.96 10.03 -3.45
N GLN A 195 0.58 11.23 -2.97
CA GLN A 195 -0.36 11.34 -1.84
C GLN A 195 -1.64 10.57 -2.14
N GLY A 196 -2.07 9.73 -1.21
CA GLY A 196 -3.27 8.93 -1.42
C GLY A 196 -2.96 7.49 -1.78
N ASP A 197 -1.72 7.24 -2.23
CA ASP A 197 -1.27 5.90 -2.58
C ASP A 197 -0.73 5.12 -1.39
N SER A 198 -0.43 5.82 -0.30
CA SER A 198 0.10 5.20 0.90
C SER A 198 -0.66 3.94 1.35
N GLY A 199 0.08 2.94 1.80
CA GLY A 199 -0.53 1.70 2.26
C GLY A 199 -0.75 0.71 1.15
N GLY A 200 -0.67 1.20 -0.09
CA GLY A 200 -0.86 0.38 -1.27
C GLY A 200 0.28 -0.60 -1.48
N PRO A 201 0.11 -1.55 -2.40
CA PRO A 201 1.15 -2.55 -2.66
C PRO A 201 2.21 -2.26 -3.71
N LEU A 202 3.40 -2.79 -3.44
CA LEU A 202 4.52 -2.73 -4.37
C LEU A 202 4.67 -4.22 -4.66
N VAL A 203 4.20 -4.65 -5.84
CA VAL A 203 4.24 -6.06 -6.21
C VAL A 203 5.35 -6.41 -7.20
N CYS A 204 6.12 -7.44 -6.88
CA CYS A 204 7.20 -7.87 -7.75
C CYS A 204 7.05 -9.35 -8.07
N SER A 205 7.28 -9.71 -9.33
CA SER A 205 7.21 -11.11 -9.74
C SER A 205 8.49 -11.74 -9.22
N LEU A 206 8.36 -12.62 -8.23
CA LEU A 206 9.51 -13.29 -7.63
C LEU A 206 9.42 -14.78 -7.90
N GLN A 207 10.23 -15.35 -8.94
CA GLN A 207 10.20 -16.76 -9.41
C GLN A 207 8.72 -16.86 -9.79
N GLY A 208 8.42 -16.83 -11.08
CA GLY A 208 7.04 -16.84 -11.67
C GLY A 208 5.80 -16.25 -10.86
N ARG A 209 5.96 -15.99 -9.54
CA ARG A 209 4.94 -15.64 -8.52
C ARG A 209 4.82 -14.16 -8.04
N MET A 210 3.60 -13.63 -8.04
CA MET A 210 3.35 -12.25 -7.61
C MET A 210 3.55 -12.20 -6.09
N THR A 211 4.46 -11.35 -5.66
CA THR A 211 4.77 -11.21 -4.24
C THR A 211 4.61 -9.77 -3.78
N LEU A 212 4.14 -9.61 -2.55
CA LEU A 212 3.95 -8.30 -1.94
C LEU A 212 5.31 -7.92 -1.33
N THR A 213 6.12 -7.21 -2.11
CA THR A 213 7.46 -6.82 -1.70
C THR A 213 7.55 -5.58 -0.83
N GLY A 214 6.69 -4.61 -1.08
CA GLY A 214 6.72 -3.40 -0.29
C GLY A 214 5.35 -2.78 -0.12
N ILE A 215 5.30 -1.81 0.78
CA ILE A 215 4.08 -1.08 1.10
C ILE A 215 4.41 0.40 0.91
N VAL A 216 3.57 1.12 0.16
CA VAL A 216 3.79 2.54 -0.09
C VAL A 216 3.87 3.28 1.25
N SER A 217 5.02 3.91 1.51
CA SER A 217 5.23 4.61 2.79
C SER A 217 5.49 6.11 2.70
N TRP A 218 6.56 6.52 2.03
CA TRP A 218 6.87 7.95 1.93
C TRP A 218 7.71 8.37 0.75
N GLY A 219 7.93 9.67 0.64
CA GLY A 219 8.73 10.20 -0.45
C GLY A 219 8.66 11.71 -0.50
N ARG A 220 9.74 12.33 -0.97
CA ARG A 220 9.78 13.79 -1.10
C ARG A 220 9.13 14.16 -2.41
N GLY A 221 8.00 14.87 -2.33
CA GLY A 221 7.29 15.25 -3.53
C GLY A 221 6.78 14.01 -4.26
N CYS A 222 6.50 14.15 -5.55
CA CYS A 222 6.02 13.05 -6.37
C CYS A 222 6.67 13.11 -7.74
N ALA A 223 7.32 12.01 -8.11
CA ALA A 223 8.04 11.91 -9.38
C ALA A 223 9.14 12.97 -9.52
N LEU A 224 9.75 13.33 -8.39
CA LEU A 224 10.84 14.30 -8.40
C LEU A 224 12.16 13.60 -8.66
N LYS A 225 13.02 14.23 -9.46
CA LYS A 225 14.33 13.68 -9.79
C LYS A 225 15.17 13.40 -8.55
N ASP A 226 15.73 12.20 -8.48
CA ASP A 226 16.58 11.77 -7.37
C ASP A 226 15.86 11.63 -6.03
N LYS A 227 14.52 11.55 -6.10
CA LYS A 227 13.69 11.40 -4.90
C LYS A 227 12.74 10.24 -5.15
N PRO A 228 13.23 9.00 -4.99
CA PRO A 228 12.45 7.77 -5.19
C PRO A 228 11.36 7.56 -4.15
N GLY A 229 10.40 6.74 -4.50
CA GLY A 229 9.34 6.41 -3.57
C GLY A 229 10.01 5.46 -2.60
N VAL A 230 9.64 5.56 -1.32
CA VAL A 230 10.21 4.67 -0.31
C VAL A 230 9.11 3.75 0.19
N TYR A 231 9.42 2.46 0.27
CA TYR A 231 8.46 1.45 0.69
C TYR A 231 8.92 0.64 1.89
N THR A 232 7.97 0.20 2.69
CA THR A 232 8.26 -0.64 3.86
C THR A 232 8.68 -2.02 3.33
N ARG A 233 9.84 -2.47 3.74
CA ARG A 233 10.37 -3.76 3.30
C ARG A 233 9.66 -4.90 4.02
N VAL A 234 8.60 -5.43 3.38
CA VAL A 234 7.76 -6.48 3.91
C VAL A 234 8.48 -7.73 4.42
N SER A 235 9.50 -8.17 3.70
CA SER A 235 10.27 -9.35 4.08
C SER A 235 10.96 -9.20 5.43
N HIS A 236 11.14 -7.96 5.89
CA HIS A 236 11.79 -7.71 7.17
C HIS A 236 10.79 -7.68 8.32
N PHE A 237 9.50 -7.78 8.01
CA PHE A 237 8.46 -7.76 9.04
C PHE A 237 7.65 -9.04 9.16
N LEU A 238 8.17 -10.14 8.60
CA LEU A 238 7.47 -11.43 8.64
C LEU A 238 7.18 -11.95 10.05
N PRO A 239 8.13 -11.82 10.99
CA PRO A 239 7.89 -12.30 12.36
C PRO A 239 6.75 -11.52 13.00
N TRP A 240 6.73 -10.21 12.76
CA TRP A 240 5.70 -9.34 13.29
C TRP A 240 4.33 -9.68 12.68
N ILE A 241 4.32 -9.93 11.38
CA ILE A 241 3.08 -10.28 10.68
C ILE A 241 2.53 -11.61 11.21
N ARG A 242 3.37 -12.63 11.27
CA ARG A 242 2.98 -13.95 11.75
C ARG A 242 2.45 -13.95 13.19
N SER A 243 3.09 -13.18 14.06
CA SER A 243 2.68 -13.11 15.47
C SER A 243 1.33 -12.44 15.70
N HIS A 244 1.01 -11.43 14.89
CA HIS A 244 -0.25 -10.70 15.02
C HIS A 244 -1.42 -11.29 14.24
N THR A 245 -1.13 -12.24 13.34
CA THR A 245 -2.17 -12.86 12.53
C THR A 245 -2.68 -14.21 13.02
N LYS A 246 -1.98 -14.81 13.98
CA LYS A 246 -2.37 -16.11 14.52
C LYS A 246 -3.71 -16.09 15.26
N GLU A 247 -3.70 -15.66 16.52
CA GLU A 247 -4.93 -15.58 17.31
C GLU A 247 -4.72 -14.59 18.47
O1 SO4 B . -14.54 9.76 21.33
O2 SO4 B . -15.62 7.92 22.45
O3 SO4 B . -16.33 8.55 20.25
O4 SO4 B . -14.20 7.49 20.56
S SO4 C . -0.25 10.11 2.33
O1 SO4 C . -1.13 11.25 2.05
O2 SO4 C . -0.18 9.24 1.14
O3 SO4 C . 1.10 10.58 2.67
O4 SO4 C . -0.80 9.33 3.47
C1 BEN D . 5.39 9.15 -2.32
C2 BEN D . 4.80 8.03 -1.68
C3 BEN D . 3.89 8.17 -0.61
C4 BEN D . 3.53 9.45 -0.16
C5 BEN D . 4.10 10.59 -0.77
C6 BEN D . 5.01 10.44 -1.83
C BEN D . 6.32 9.00 -3.39
N1 BEN D . 6.88 10.05 -3.99
N2 BEN D . 6.67 7.82 -3.86
#